data_6RP7
#
_entry.id   6RP7
#
_cell.length_a   91.669
_cell.length_b   91.669
_cell.length_c   141.043
_cell.angle_alpha   90.000
_cell.angle_beta   90.000
_cell.angle_gamma   90.000
#
_symmetry.space_group_name_H-M   'P 41 21 2'
#
loop_
_entity.id
_entity.type
_entity.pdbx_description
1 polymer 'Formamidopyrimidine-DNA glycosylase'
2 polymer "DNA (5'-D(*CP*TP*CP*TP*TP*TP*(3DR)P*TP*TP*TP*CP*TP*CP*G)-3')"
3 polymer "DNA (5'-D(*GP*CP*GP*AP*GP*AP*AP*AP*CP*AP*AP*AP*GP*A)-3')"
4 non-polymer GLYCEROL
5 non-polymer 6,7-dimethyl-2-sulfanylidene-1~{H}-pteridin-4-one
6 water water
#
loop_
_entity_poly.entity_id
_entity_poly.type
_entity_poly.pdbx_seq_one_letter_code
_entity_poly.pdbx_strand_id
1 'polypeptide(L)'
;PELPEVETVRRELEKRIVGQKIISIEATYPRMVLTGFEQLKKELTGKTIQGISRRGKYLIFEIGDDFRLISHLRMEGKYR
LATLDAPREKHDHLTMKFADGQLIYADVRKFGTWELISTDQVLPYFLKKKIGPEPTYEDFDEKLFREKLRKSTKKIKPYL
LEQTLVAGLGNIYVDEVLWLAKIHPEKETNQLIESSIHLLHDSIIEILQKAIKLGGSSIRTYSALGSTGKMQNELQVYGK
TGEKCSRCGAEIQKIKVAGRGTHFCPVCQQK
;
A
2 'polydeoxyribonucleotide' (DC)(DT)(DC)(DT)(DT)(DT)(3DR)(DT)(DT)(DT)(DC)(DT)(DC)(DG) D
3 'polydeoxyribonucleotide' (DG)(DC)(DG)(DA)(DG)(DA)(DA)(DA)(DC)(DA)(DA)(DA)(DG)(DA) E
#
# COMPACT_ATOMS: atom_id res chain seq x y z
N PRO A 1 -6.01 0.08 -0.26
CA PRO A 1 -5.03 0.60 0.70
C PRO A 1 -3.69 1.00 0.06
N GLU A 2 -2.98 1.92 0.72
CA GLU A 2 -1.63 2.31 0.34
C GLU A 2 -0.68 1.83 1.43
N LEU A 3 0.60 2.21 1.33
CA LEU A 3 1.57 1.66 2.27
C LEU A 3 1.18 1.84 3.74
N PRO A 4 0.74 3.01 4.20
CA PRO A 4 0.39 3.14 5.63
C PRO A 4 -0.71 2.20 6.10
N GLU A 5 -1.72 1.96 5.26
CA GLU A 5 -2.79 1.04 5.65
C GLU A 5 -2.29 -0.40 5.65
N VAL A 6 -1.44 -0.76 4.68
CA VAL A 6 -0.87 -2.10 4.66
C VAL A 6 0.04 -2.33 5.85
N GLU A 7 0.83 -1.31 6.20
CA GLU A 7 1.69 -1.45 7.38
C GLU A 7 0.86 -1.58 8.66
N THR A 8 -0.27 -0.86 8.75
CA THR A 8 -1.14 -1.01 9.92
C THR A 8 -1.69 -2.43 10.02
N VAL A 9 -2.14 -2.98 8.90
CA VAL A 9 -2.60 -4.37 8.87
C VAL A 9 -1.48 -5.31 9.27
N ARG A 10 -0.28 -5.09 8.70
CA ARG A 10 0.87 -5.92 9.02
C ARG A 10 1.13 -5.95 10.53
N ARG A 11 1.05 -4.80 11.19
CA ARG A 11 1.35 -4.74 12.62
C ARG A 11 0.28 -5.46 13.44
N GLU A 12 -1.00 -5.30 13.09
CA GLU A 12 -2.04 -6.00 13.84
C GLU A 12 -1.93 -7.50 13.65
N LEU A 13 -1.61 -7.95 12.42
CA LEU A 13 -1.46 -9.39 12.19
C LEU A 13 -0.25 -9.95 12.93
N GLU A 14 0.85 -9.22 12.95
CA GLU A 14 2.06 -9.69 13.61
C GLU A 14 1.79 -9.92 15.10
N LYS A 15 0.97 -9.08 15.72
CA LYS A 15 0.64 -9.26 17.13
C LYS A 15 -0.19 -10.51 17.36
N ARG A 16 -1.02 -10.88 16.38
CA ARG A 16 -2.07 -11.85 16.67
C ARG A 16 -1.88 -13.22 16.04
N ILE A 17 -1.32 -13.35 14.84
CA ILE A 17 -1.27 -14.67 14.21
C ILE A 17 0.12 -15.28 14.19
N VAL A 18 1.16 -14.57 14.61
CA VAL A 18 2.49 -15.15 14.62
C VAL A 18 2.53 -16.25 15.69
N GLY A 19 3.11 -17.40 15.33
CA GLY A 19 3.07 -18.56 16.19
C GLY A 19 1.89 -19.49 15.96
N GLN A 20 0.93 -19.08 15.13
CA GLN A 20 -0.27 -19.89 14.95
C GLN A 20 -0.08 -20.91 13.83
N LYS A 21 -0.54 -22.12 14.08
CA LYS A 21 -0.49 -23.19 13.10
C LYS A 21 -1.74 -23.15 12.23
N ILE A 22 -1.54 -23.18 10.91
CA ILE A 22 -2.67 -23.22 9.99
C ILE A 22 -3.29 -24.61 10.02
N ILE A 23 -4.56 -24.68 10.42
CA ILE A 23 -5.25 -25.97 10.46
C ILE A 23 -5.86 -26.29 9.10
N SER A 24 -6.42 -25.30 8.43
CA SER A 24 -6.97 -25.54 7.10
C SER A 24 -7.06 -24.22 6.37
N ILE A 25 -7.17 -24.31 5.04
CA ILE A 25 -7.32 -23.16 4.17
C ILE A 25 -8.47 -23.45 3.22
N GLU A 26 -9.41 -22.52 3.11
CA GLU A 26 -10.59 -22.71 2.28
C GLU A 26 -10.79 -21.49 1.39
N ALA A 27 -11.39 -21.70 0.22
CA ALA A 27 -11.55 -20.65 -0.76
C ALA A 27 -12.95 -20.74 -1.37
N THR A 28 -13.67 -19.63 -1.41
CA THR A 28 -14.80 -19.56 -2.33
C THR A 28 -14.41 -18.90 -3.65
N TYR A 29 -13.26 -18.23 -3.71
CA TYR A 29 -12.76 -17.59 -4.92
C TYR A 29 -11.30 -18.00 -5.14
N PRO A 30 -11.06 -19.26 -5.49
CA PRO A 30 -9.67 -19.73 -5.63
C PRO A 30 -8.88 -19.01 -6.73
N ARG A 31 -9.55 -18.40 -7.70
CA ARG A 31 -8.85 -17.74 -8.79
C ARG A 31 -7.99 -16.57 -8.34
N MET A 32 -8.20 -16.03 -7.14
CA MET A 32 -7.30 -14.96 -6.69
C MET A 32 -5.96 -15.48 -6.20
N VAL A 33 -5.78 -16.80 -6.11
CA VAL A 33 -4.50 -17.37 -5.72
C VAL A 33 -3.76 -17.64 -7.02
N LEU A 34 -2.91 -16.67 -7.42
CA LEU A 34 -2.33 -16.66 -8.77
C LEU A 34 -1.40 -17.84 -9.01
N THR A 35 -0.81 -18.39 -7.96
CA THR A 35 0.10 -19.51 -8.11
C THR A 35 -0.61 -20.86 -8.03
N GLY A 36 -1.92 -20.87 -7.77
CA GLY A 36 -2.67 -22.13 -7.71
C GLY A 36 -3.19 -22.43 -6.31
N PHE A 37 -4.51 -22.46 -6.13
CA PHE A 37 -5.05 -22.65 -4.79
C PHE A 37 -4.73 -24.03 -4.25
N GLU A 38 -4.89 -25.08 -5.07
CA GLU A 38 -4.64 -26.43 -4.56
C GLU A 38 -3.19 -26.57 -4.10
N GLN A 39 -2.23 -26.01 -4.85
CA GLN A 39 -0.84 -26.03 -4.42
C GLN A 39 -0.64 -25.27 -3.10
N LEU A 40 -1.25 -24.09 -2.99
CA LEU A 40 -1.09 -23.30 -1.76
C LEU A 40 -1.67 -24.04 -0.56
N LYS A 41 -2.85 -24.62 -0.72
CA LYS A 41 -3.47 -25.40 0.35
C LYS A 41 -2.58 -26.57 0.76
N LYS A 42 -2.02 -27.29 -0.21
CA LYS A 42 -1.16 -28.43 0.12
C LYS A 42 0.10 -28.00 0.86
N GLU A 43 0.73 -26.91 0.43
CA GLU A 43 2.00 -26.53 1.02
C GLU A 43 1.85 -25.89 2.40
N LEU A 44 0.80 -25.08 2.61
CA LEU A 44 0.73 -24.29 3.84
C LEU A 44 -0.08 -24.94 4.96
N THR A 45 -0.97 -25.88 4.66
CA THR A 45 -1.75 -26.53 5.69
C THR A 45 -0.82 -27.24 6.69
N GLY A 46 -1.00 -26.98 7.97
CA GLY A 46 -0.15 -27.56 9.00
C GLY A 46 1.12 -26.80 9.29
N LYS A 47 1.41 -25.73 8.55
CA LYS A 47 2.58 -24.90 8.82
C LYS A 47 2.23 -23.81 9.83
N THR A 48 3.26 -23.30 10.49
CA THR A 48 3.15 -22.27 11.50
C THR A 48 3.62 -20.93 10.94
N ILE A 49 2.87 -19.87 11.21
CA ILE A 49 3.24 -18.53 10.75
C ILE A 49 4.37 -18.00 11.62
N GLN A 50 5.49 -17.65 11.00
CA GLN A 50 6.68 -17.19 11.70
C GLN A 50 6.78 -15.67 11.76
N GLY A 51 6.08 -14.96 10.90
CA GLY A 51 6.20 -13.50 10.86
C GLY A 51 5.41 -12.95 9.70
N ILE A 52 5.24 -11.62 9.73
CA ILE A 52 4.58 -10.88 8.66
C ILE A 52 5.47 -9.70 8.32
N SER A 53 5.82 -9.57 7.05
CA SER A 53 6.63 -8.45 6.59
C SER A 53 5.82 -7.69 5.55
N ARG A 54 6.41 -6.61 5.04
CA ARG A 54 5.78 -5.79 4.01
C ARG A 54 6.85 -5.26 3.07
N ARG A 55 6.51 -5.13 1.80
CA ARG A 55 7.37 -4.47 0.84
C ARG A 55 6.46 -3.61 -0.02
N GLY A 56 6.69 -2.29 -0.03
CA GLY A 56 5.71 -1.44 -0.70
C GLY A 56 4.31 -1.69 -0.17
N LYS A 57 3.35 -1.88 -1.07
CA LYS A 57 1.99 -2.22 -0.66
C LYS A 57 1.74 -3.72 -0.53
N TYR A 58 2.79 -4.55 -0.62
CA TYR A 58 2.62 -6.01 -0.55
C TYR A 58 2.80 -6.50 0.87
N LEU A 59 1.87 -7.33 1.33
CA LEU A 59 2.03 -8.06 2.58
C LEU A 59 2.77 -9.37 2.32
N ILE A 60 3.65 -9.76 3.22
CA ILE A 60 4.44 -10.99 3.05
C ILE A 60 4.26 -11.84 4.31
N PHE A 61 3.48 -12.91 4.19
CA PHE A 61 3.37 -13.86 5.30
C PHE A 61 4.52 -14.85 5.23
N GLU A 62 5.25 -15.01 6.34
CA GLU A 62 6.34 -15.96 6.44
C GLU A 62 5.80 -17.22 7.10
N ILE A 63 5.68 -18.30 6.33
CA ILE A 63 4.89 -19.45 6.74
C ILE A 63 5.76 -20.68 6.55
N GLY A 64 6.29 -21.21 7.64
CA GLY A 64 7.37 -22.17 7.57
C GLY A 64 8.64 -21.48 7.11
N ASP A 65 9.71 -22.27 7.04
CA ASP A 65 11.01 -21.72 6.70
C ASP A 65 11.13 -21.42 5.21
N ASP A 66 10.38 -22.12 4.37
CA ASP A 66 10.66 -22.14 2.94
C ASP A 66 9.58 -21.51 2.08
N PHE A 67 8.50 -20.99 2.69
CA PHE A 67 7.47 -20.36 1.88
C PHE A 67 7.09 -19.00 2.43
N ARG A 68 6.75 -18.11 1.50
CA ARG A 68 6.13 -16.84 1.81
C ARG A 68 4.88 -16.71 0.99
N LEU A 69 3.84 -16.17 1.59
CA LEU A 69 2.59 -15.88 0.91
C LEU A 69 2.57 -14.37 0.67
N ILE A 70 2.61 -13.96 -0.59
CA ILE A 70 2.64 -12.54 -0.93
C ILE A 70 1.23 -12.12 -1.27
N SER A 71 0.71 -11.16 -0.51
CA SER A 71 -0.69 -10.74 -0.61
C SER A 71 -0.74 -9.27 -0.98
N HIS A 72 -1.57 -8.94 -1.95
CA HIS A 72 -1.80 -7.56 -2.34
C HIS A 72 -3.29 -7.30 -2.22
N LEU A 73 -3.65 -6.24 -1.52
CA LEU A 73 -5.04 -5.93 -1.25
C LEU A 73 -5.67 -5.07 -2.35
N ARG A 74 -4.84 -4.56 -3.26
CA ARG A 74 -5.26 -3.73 -4.38
C ARG A 74 -6.20 -2.61 -3.93
N MET A 75 -7.41 -2.54 -4.47
CA MET A 75 -8.23 -1.35 -4.20
C MET A 75 -9.08 -1.47 -2.94
N GLU A 76 -9.57 -2.66 -2.58
CA GLU A 76 -10.57 -2.77 -1.53
C GLU A 76 -10.39 -4.00 -0.64
N GLY A 77 -9.27 -4.71 -0.75
CA GLY A 77 -9.07 -5.91 0.05
C GLY A 77 -9.03 -5.60 1.53
N LYS A 78 -9.59 -6.50 2.34
CA LYS A 78 -9.69 -6.34 3.79
C LYS A 78 -9.53 -7.70 4.45
N TYR A 79 -8.74 -7.73 5.53
CA TYR A 79 -8.57 -8.89 6.38
C TYR A 79 -9.34 -8.70 7.69
N ARG A 80 -9.88 -9.77 8.23
CA ARG A 80 -10.39 -9.74 9.59
C ARG A 80 -10.11 -11.06 10.28
N LEU A 81 -9.99 -11.00 11.61
CA LEU A 81 -9.86 -12.18 12.45
C LEU A 81 -11.21 -12.45 13.10
N ALA A 82 -11.73 -13.65 12.88
CA ALA A 82 -13.08 -13.99 13.34
C ALA A 82 -13.03 -15.32 14.10
N THR A 83 -14.07 -15.57 14.89
CA THR A 83 -14.23 -16.86 15.51
C THR A 83 -14.47 -17.92 14.44
N LEU A 84 -14.29 -19.19 14.81
CA LEU A 84 -14.44 -20.27 13.84
C LEU A 84 -15.89 -20.41 13.37
N ASP A 85 -16.86 -19.95 14.15
CA ASP A 85 -18.27 -20.05 13.74
C ASP A 85 -18.81 -18.75 13.16
N ALA A 86 -17.93 -17.81 12.81
CA ALA A 86 -18.37 -16.59 12.18
C ALA A 86 -19.11 -16.91 10.88
N PRO A 87 -20.24 -16.26 10.61
CA PRO A 87 -20.94 -16.50 9.34
C PRO A 87 -20.19 -15.91 8.15
N ARG A 88 -20.44 -16.51 6.99
CA ARG A 88 -19.86 -16.01 5.75
C ARG A 88 -20.50 -14.67 5.39
N GLU A 89 -19.68 -13.73 4.94
CA GLU A 89 -20.17 -12.49 4.38
C GLU A 89 -19.96 -12.53 2.86
N LYS A 90 -20.73 -11.70 2.16
CA LYS A 90 -20.91 -11.87 0.71
C LYS A 90 -19.59 -11.81 -0.05
N HIS A 91 -18.68 -10.94 0.34
CA HIS A 91 -17.46 -10.78 -0.44
C HIS A 91 -16.24 -11.43 0.22
N ASP A 92 -16.47 -12.39 1.13
CA ASP A 92 -15.39 -13.20 1.66
C ASP A 92 -14.92 -14.17 0.58
N HIS A 93 -13.61 -14.30 0.41
CA HIS A 93 -13.08 -15.16 -0.64
C HIS A 93 -12.19 -16.28 -0.14
N LEU A 94 -11.44 -16.05 0.94
CA LEU A 94 -10.43 -17.00 1.40
C LEU A 94 -10.42 -16.98 2.92
N THR A 95 -10.14 -18.14 3.52
CA THR A 95 -9.98 -18.16 4.95
C THR A 95 -8.86 -19.11 5.33
N MET A 96 -8.05 -18.66 6.28
CA MET A 96 -6.98 -19.41 6.90
C MET A 96 -7.46 -19.73 8.32
N LYS A 97 -7.74 -21.00 8.59
CA LYS A 97 -8.32 -21.40 9.86
C LYS A 97 -7.24 -21.87 10.82
N PHE A 98 -7.25 -21.30 12.01
CA PHE A 98 -6.40 -21.70 13.12
C PHE A 98 -7.23 -22.52 14.10
N ALA A 99 -6.60 -22.94 15.20
CA ALA A 99 -7.31 -23.70 16.21
C ALA A 99 -8.35 -22.87 16.94
N ASP A 100 -8.13 -21.56 17.10
CA ASP A 100 -8.95 -20.72 17.96
C ASP A 100 -9.55 -19.52 17.22
N GLY A 101 -9.55 -19.53 15.91
CA GLY A 101 -10.07 -18.41 15.14
C GLY A 101 -9.64 -18.59 13.70
N GLN A 102 -10.02 -17.60 12.88
CA GLN A 102 -9.69 -17.68 11.46
C GLN A 102 -9.42 -16.29 10.91
N LEU A 103 -8.56 -16.26 9.90
CA LEU A 103 -8.22 -15.04 9.18
C LEU A 103 -8.94 -15.07 7.85
N ILE A 104 -9.82 -14.10 7.61
CA ILE A 104 -10.67 -14.07 6.42
C ILE A 104 -10.26 -12.91 5.54
N TYR A 105 -10.11 -13.18 4.25
CA TYR A 105 -9.85 -12.15 3.26
C TYR A 105 -11.12 -11.88 2.45
N ALA A 106 -11.52 -10.61 2.40
CA ALA A 106 -12.67 -10.18 1.62
C ALA A 106 -12.25 -9.06 0.66
N ASP A 107 -12.95 -8.95 -0.46
CA ASP A 107 -12.55 -7.99 -1.49
C ASP A 107 -13.73 -7.82 -2.44
N VAL A 108 -14.47 -6.71 -2.29
CA VAL A 108 -15.68 -6.51 -3.10
C VAL A 108 -15.34 -6.62 -4.57
N ARG A 109 -14.26 -5.99 -5.00
CA ARG A 109 -13.96 -5.90 -6.43
C ARG A 109 -13.15 -7.08 -6.95
N LYS A 110 -12.71 -7.97 -6.06
CA LYS A 110 -11.99 -9.17 -6.45
C LYS A 110 -10.66 -8.84 -7.14
N PHE A 111 -10.04 -7.71 -6.80
CA PHE A 111 -8.75 -7.38 -7.42
C PHE A 111 -7.56 -7.97 -6.68
N GLY A 112 -7.67 -8.16 -5.36
CA GLY A 112 -6.52 -8.57 -4.58
C GLY A 112 -6.04 -9.96 -4.95
N THR A 113 -4.78 -10.23 -4.63
CA THR A 113 -4.11 -11.45 -5.10
C THR A 113 -3.34 -12.10 -3.97
N TRP A 114 -3.19 -13.42 -4.07
CA TRP A 114 -2.29 -14.20 -3.23
C TRP A 114 -1.32 -14.94 -4.14
N GLU A 115 -0.04 -14.96 -3.75
CA GLU A 115 0.97 -15.71 -4.49
C GLU A 115 1.85 -16.46 -3.51
N LEU A 116 1.97 -17.77 -3.71
CA LEU A 116 2.90 -18.58 -2.92
C LEU A 116 4.28 -18.55 -3.59
N ILE A 117 5.29 -18.12 -2.83
CA ILE A 117 6.65 -17.89 -3.32
C ILE A 117 7.61 -18.59 -2.35
N SER A 118 8.58 -19.33 -2.90
CA SER A 118 9.61 -19.87 -2.01
C SER A 118 10.48 -18.75 -1.45
N THR A 119 11.03 -19.00 -0.26
CA THR A 119 11.75 -17.97 0.49
C THR A 119 12.88 -17.34 -0.33
N ASP A 120 13.70 -18.15 -1.01
CA ASP A 120 14.79 -17.54 -1.77
C ASP A 120 14.32 -16.90 -3.07
N GLN A 121 13.02 -16.89 -3.36
CA GLN A 121 12.51 -16.21 -4.54
C GLN A 121 11.83 -14.88 -4.21
N VAL A 122 11.76 -14.50 -2.93
CA VAL A 122 11.07 -13.26 -2.56
C VAL A 122 11.82 -12.05 -3.09
N LEU A 123 13.13 -11.98 -2.84
CA LEU A 123 13.88 -10.83 -3.37
C LEU A 123 13.86 -10.79 -4.90
N PRO A 124 14.09 -11.88 -5.63
CA PRO A 124 13.89 -11.81 -7.10
C PRO A 124 12.48 -11.40 -7.51
N TYR A 125 11.45 -11.77 -6.75
CA TYR A 125 10.08 -11.38 -7.09
C TYR A 125 9.94 -9.86 -7.12
N PHE A 126 10.51 -9.18 -6.14
CA PHE A 126 10.38 -7.73 -6.11
C PHE A 126 11.33 -7.03 -7.07
N LEU A 127 12.52 -7.61 -7.30
CA LEU A 127 13.40 -7.09 -8.34
C LEU A 127 12.71 -7.12 -9.71
N LYS A 128 12.01 -8.22 -10.01
CA LYS A 128 11.36 -8.33 -11.31
C LYS A 128 10.28 -7.28 -11.49
N LYS A 129 9.56 -6.94 -10.42
CA LYS A 129 8.57 -5.86 -10.45
C LYS A 129 9.18 -4.47 -10.43
N LYS A 130 10.50 -4.37 -10.25
CA LYS A 130 11.21 -3.08 -10.24
C LYS A 130 10.72 -2.14 -9.14
N ILE A 131 10.24 -2.69 -8.02
CA ILE A 131 9.80 -1.86 -6.90
C ILE A 131 10.96 -1.03 -6.39
N GLY A 132 10.70 0.28 -6.16
CA GLY A 132 11.70 1.19 -5.68
C GLY A 132 11.91 1.08 -4.18
N PRO A 133 12.68 2.01 -3.61
CA PRO A 133 13.05 1.87 -2.19
C PRO A 133 11.88 2.13 -1.27
N GLU A 134 12.00 1.60 -0.05
CA GLU A 134 11.06 1.94 1.01
C GLU A 134 11.19 3.43 1.34
N PRO A 135 10.10 4.08 1.71
CA PRO A 135 10.09 5.54 1.99
C PRO A 135 10.61 5.88 3.37
N THR A 136 11.89 5.64 3.59
CA THR A 136 12.56 5.96 4.84
C THR A 136 13.85 6.71 4.51
N TYR A 137 14.34 7.48 5.50
CA TYR A 137 15.59 8.20 5.30
C TYR A 137 16.73 7.24 4.97
N GLU A 138 16.73 6.06 5.61
CA GLU A 138 17.83 5.11 5.41
C GLU A 138 17.80 4.48 4.02
N ASP A 139 16.61 4.26 3.46
CA ASP A 139 16.49 3.51 2.21
C ASP A 139 16.26 4.40 0.99
N PHE A 140 15.61 5.54 1.15
CA PHE A 140 15.21 6.40 0.04
C PHE A 140 16.32 7.44 -0.21
N ASP A 141 17.22 7.14 -1.14
CA ASP A 141 18.39 7.98 -1.41
C ASP A 141 17.99 9.13 -2.35
N GLU A 142 18.11 10.35 -1.86
CA GLU A 142 17.71 11.51 -2.67
C GLU A 142 18.57 11.66 -3.91
N LYS A 143 19.85 11.26 -3.84
CA LYS A 143 20.74 11.46 -4.98
C LYS A 143 20.30 10.65 -6.20
N LEU A 144 19.96 9.38 -5.99
CA LEU A 144 19.42 8.56 -7.07
C LEU A 144 18.05 9.08 -7.53
N PHE A 145 17.18 9.39 -6.57
CA PHE A 145 15.88 9.98 -6.87
C PHE A 145 16.02 11.15 -7.85
N ARG A 146 16.95 12.06 -7.54
CA ARG A 146 17.14 13.26 -8.35
C ARG A 146 17.61 12.91 -9.76
N GLU A 147 18.52 11.95 -9.88
CA GLU A 147 19.01 11.54 -11.19
C GLU A 147 17.89 10.93 -12.03
N LYS A 148 17.04 10.10 -11.43
CA LYS A 148 15.95 9.51 -12.19
C LYS A 148 14.96 10.59 -12.65
N LEU A 149 14.68 11.58 -11.81
CA LEU A 149 13.78 12.66 -12.21
C LEU A 149 14.37 13.48 -13.35
N ARG A 150 15.68 13.73 -13.32
CA ARG A 150 16.32 14.50 -14.37
C ARG A 150 16.24 13.78 -15.72
N LYS A 151 16.27 12.46 -15.74
CA LYS A 151 16.37 11.72 -17.00
C LYS A 151 15.01 11.39 -17.63
N SER A 152 13.92 11.84 -17.01
CA SER A 152 12.58 11.47 -17.47
C SER A 152 11.78 12.69 -17.91
N THR A 153 10.92 12.49 -18.90
CA THR A 153 9.95 13.51 -19.28
C THR A 153 8.54 13.18 -18.79
N LYS A 154 8.39 12.19 -17.93
CA LYS A 154 7.10 11.88 -17.35
C LYS A 154 6.64 13.01 -16.43
N LYS A 155 5.32 13.10 -16.27
CA LYS A 155 4.71 13.93 -15.24
C LYS A 155 4.95 13.32 -13.86
N ILE A 156 5.15 14.17 -12.85
CA ILE A 156 5.59 13.69 -11.54
C ILE A 156 4.57 12.76 -10.89
N LYS A 157 3.26 13.08 -10.99
CA LYS A 157 2.30 12.23 -10.28
C LYS A 157 2.21 10.82 -10.88
N PRO A 158 1.97 10.64 -12.18
CA PRO A 158 2.07 9.28 -12.75
C PRO A 158 3.39 8.59 -12.44
N TYR A 159 4.52 9.28 -12.55
CA TYR A 159 5.81 8.64 -12.28
C TYR A 159 5.88 8.17 -10.83
N LEU A 160 5.45 9.00 -9.88
CA LEU A 160 5.44 8.55 -8.48
C LEU A 160 4.52 7.34 -8.27
N LEU A 161 3.39 7.28 -8.97
CA LEU A 161 2.47 6.15 -8.80
C LEU A 161 3.02 4.84 -9.34
N GLU A 162 4.07 4.88 -10.17
CA GLU A 162 4.59 3.65 -10.79
C GLU A 162 5.32 2.74 -9.82
N GLN A 163 5.64 3.21 -8.61
CA GLN A 163 6.29 2.47 -7.52
C GLN A 163 7.79 2.28 -7.75
N THR A 164 8.38 2.83 -8.81
CA THR A 164 9.77 2.58 -9.16
C THR A 164 10.72 3.61 -8.56
N LEU A 165 10.28 4.86 -8.37
CA LEU A 165 11.11 5.87 -7.72
C LEU A 165 11.16 5.66 -6.21
N VAL A 166 10.07 5.16 -5.66
CA VAL A 166 9.93 4.91 -4.23
C VAL A 166 8.65 4.10 -4.11
N ALA A 167 8.60 3.16 -3.17
CA ALA A 167 7.48 2.25 -3.03
C ALA A 167 6.44 2.80 -2.06
N GLY A 168 5.16 2.64 -2.41
CA GLY A 168 4.08 2.72 -1.44
C GLY A 168 3.12 3.88 -1.60
N LEU A 169 3.38 4.83 -2.49
CA LEU A 169 2.43 5.91 -2.71
C LEU A 169 1.29 5.43 -3.61
N GLY A 170 0.07 5.75 -3.20
CA GLY A 170 -1.08 5.56 -4.06
C GLY A 170 -1.80 6.89 -4.25
N ASN A 171 -3.05 6.86 -4.68
CA ASN A 171 -3.68 8.11 -5.12
C ASN A 171 -3.86 9.11 -3.97
N ILE A 172 -4.22 8.64 -2.78
CA ILE A 172 -4.39 9.58 -1.66
C ILE A 172 -3.07 10.26 -1.32
N TYR A 173 -2.04 9.49 -1.02
CA TYR A 173 -0.84 10.10 -0.47
C TYR A 173 0.01 10.81 -1.51
N VAL A 174 -0.09 10.45 -2.79
CA VAL A 174 0.63 11.24 -3.78
C VAL A 174 0.02 12.64 -3.89
N ASP A 175 -1.32 12.75 -3.80
CA ASP A 175 -1.94 14.07 -3.81
C ASP A 175 -1.54 14.87 -2.57
N GLU A 176 -1.46 14.20 -1.41
CA GLU A 176 -1.06 14.88 -0.19
C GLU A 176 0.41 15.32 -0.27
N VAL A 177 1.26 14.48 -0.86
CA VAL A 177 2.69 14.76 -0.93
C VAL A 177 2.96 15.94 -1.86
N LEU A 178 2.30 15.97 -3.01
CA LEU A 178 2.53 17.06 -3.96
C LEU A 178 2.02 18.38 -3.40
N TRP A 179 0.90 18.36 -2.67
CA TRP A 179 0.45 19.59 -2.03
C TRP A 179 1.46 20.05 -0.98
N LEU A 180 1.97 19.10 -0.19
CA LEU A 180 2.95 19.49 0.83
C LEU A 180 4.25 19.98 0.20
N ALA A 181 4.66 19.40 -0.93
CA ALA A 181 5.87 19.85 -1.60
C ALA A 181 5.63 20.99 -2.59
N LYS A 182 4.39 21.47 -2.74
CA LYS A 182 4.05 22.58 -3.62
C LYS A 182 4.47 22.31 -5.08
N ILE A 183 4.10 21.13 -5.57
CA ILE A 183 4.45 20.69 -6.90
C ILE A 183 3.18 20.34 -7.68
N HIS A 184 3.07 20.86 -8.89
CA HIS A 184 1.93 20.55 -9.74
C HIS A 184 1.98 19.09 -10.19
N PRO A 185 0.89 18.34 -10.10
CA PRO A 185 0.92 16.92 -10.47
C PRO A 185 1.32 16.65 -11.92
N GLU A 186 1.13 17.61 -12.83
CA GLU A 186 1.55 17.41 -14.20
C GLU A 186 2.91 18.04 -14.49
N LYS A 187 3.66 18.41 -13.45
CA LYS A 187 5.00 18.95 -13.67
C LYS A 187 5.90 17.88 -14.28
N GLU A 188 6.55 18.19 -15.39
CA GLU A 188 7.48 17.23 -15.96
C GLU A 188 8.74 17.13 -15.09
N THR A 189 9.12 15.89 -14.75
CA THR A 189 10.11 15.72 -13.68
C THR A 189 11.46 16.30 -14.06
N ASN A 190 11.81 16.31 -15.35
CA ASN A 190 13.09 16.89 -15.73
C ASN A 190 13.11 18.40 -15.60
N GLN A 191 11.99 19.01 -15.25
CA GLN A 191 11.94 20.45 -14.97
C GLN A 191 12.09 20.75 -13.48
N LEU A 192 11.99 19.75 -12.60
CA LEU A 192 12.13 20.02 -11.17
C LEU A 192 13.55 20.47 -10.86
N ILE A 193 13.68 21.52 -10.05
CA ILE A 193 15.00 21.94 -9.61
C ILE A 193 15.37 21.23 -8.30
N GLU A 194 16.65 21.32 -7.94
CA GLU A 194 17.19 20.49 -6.85
C GLU A 194 16.47 20.74 -5.54
N SER A 195 16.20 22.01 -5.23
CA SER A 195 15.53 22.35 -3.96
C SER A 195 14.09 21.83 -3.92
N SER A 196 13.41 21.73 -5.06
CA SER A 196 12.07 21.16 -5.07
C SER A 196 12.14 19.64 -4.89
N ILE A 197 13.12 19.00 -5.52
CA ILE A 197 13.27 17.56 -5.37
C ILE A 197 13.57 17.21 -3.91
N HIS A 198 14.37 18.04 -3.25
CA HIS A 198 14.69 17.79 -1.85
C HIS A 198 13.44 17.86 -0.99
N LEU A 199 12.61 18.89 -1.19
CA LEU A 199 11.35 18.98 -0.44
C LEU A 199 10.42 17.82 -0.78
N LEU A 200 10.37 17.42 -2.04
CA LEU A 200 9.53 16.29 -2.42
C LEU A 200 9.98 15.01 -1.72
N HIS A 201 11.30 14.76 -1.74
CA HIS A 201 11.86 13.59 -1.07
C HIS A 201 11.49 13.57 0.40
N ASP A 202 11.74 14.68 1.13
CA ASP A 202 11.43 14.73 2.55
C ASP A 202 9.93 14.61 2.78
N SER A 203 9.11 15.23 1.93
CA SER A 203 7.67 15.17 2.12
C SER A 203 7.12 13.76 1.93
N ILE A 204 7.65 13.01 0.95
CA ILE A 204 7.24 11.61 0.77
C ILE A 204 7.44 10.84 2.07
N ILE A 205 8.62 10.99 2.67
CA ILE A 205 8.94 10.25 3.88
C ILE A 205 8.07 10.74 5.04
N GLU A 206 7.93 12.05 5.20
CA GLU A 206 7.22 12.56 6.36
C GLU A 206 5.72 12.24 6.29
N ILE A 207 5.10 12.38 5.12
CA ILE A 207 3.67 12.09 5.02
C ILE A 207 3.39 10.61 5.29
N LEU A 208 4.19 9.73 4.70
CA LEU A 208 3.95 8.29 4.86
C LEU A 208 4.23 7.84 6.28
N GLN A 209 5.28 8.37 6.91
CA GLN A 209 5.56 7.98 8.30
C GLN A 209 4.50 8.54 9.25
N LYS A 210 4.04 9.77 9.02
CA LYS A 210 2.94 10.28 9.84
C LYS A 210 1.69 9.43 9.68
N ALA A 211 1.37 9.05 8.44
CA ALA A 211 0.19 8.22 8.18
C ALA A 211 0.31 6.87 8.90
N ILE A 212 1.49 6.27 8.89
CA ILE A 212 1.71 5.01 9.62
C ILE A 212 1.45 5.22 11.11
N LYS A 213 1.97 6.30 11.69
CA LYS A 213 1.76 6.53 13.12
C LYS A 213 0.29 6.74 13.46
N LEU A 214 -0.49 7.31 12.54
CA LEU A 214 -1.91 7.53 12.78
C LEU A 214 -2.77 6.34 12.37
N GLY A 215 -2.15 5.23 12.00
CA GLY A 215 -2.90 4.03 11.66
C GLY A 215 -3.58 4.07 10.31
N GLY A 216 -3.08 4.89 9.37
CA GLY A 216 -3.67 4.97 8.04
C GLY A 216 -4.96 5.76 8.01
N SER A 217 -5.55 5.82 6.81
CA SER A 217 -6.87 6.40 6.61
C SER A 217 -7.92 5.31 6.47
N SER A 218 -9.17 5.68 6.71
CA SER A 218 -10.27 4.72 6.65
C SER A 218 -11.43 5.16 5.75
N SER A 223 -14.34 -1.95 10.35
CA SER A 223 -14.66 -3.13 11.14
C SER A 223 -13.59 -4.22 11.04
N ALA A 224 -12.79 -4.16 9.98
CA ALA A 224 -11.72 -5.11 9.74
C ALA A 224 -10.42 -4.62 10.40
N LEU A 225 -9.34 -5.36 10.20
CA LEU A 225 -8.03 -4.85 10.58
C LEU A 225 -7.70 -3.62 9.76
N GLY A 226 -7.23 -2.56 10.43
CA GLY A 226 -6.84 -1.34 9.75
C GLY A 226 -7.95 -0.32 9.57
N SER A 227 -9.14 -0.56 10.07
CA SER A 227 -10.20 0.45 10.03
C SER A 227 -10.18 1.37 11.24
N THR A 228 -9.09 1.37 12.00
CA THR A 228 -8.91 2.18 13.19
C THR A 228 -8.19 3.50 12.91
N GLY A 229 -8.00 3.85 11.64
CA GLY A 229 -7.07 4.92 11.29
C GLY A 229 -7.59 6.31 11.61
N LYS A 230 -6.64 7.21 11.83
CA LYS A 230 -6.93 8.61 12.11
C LYS A 230 -6.33 9.54 11.07
N MET A 231 -5.60 9.00 10.08
CA MET A 231 -4.93 9.86 9.10
C MET A 231 -5.92 10.63 8.23
N GLN A 232 -7.13 10.08 8.04
CA GLN A 232 -8.10 10.73 7.16
C GLN A 232 -8.47 12.11 7.66
N ASN A 233 -8.33 12.36 8.96
CA ASN A 233 -8.63 13.69 9.50
C ASN A 233 -7.52 14.69 9.22
N GLU A 234 -6.34 14.23 8.79
CA GLU A 234 -5.23 15.12 8.49
C GLU A 234 -5.00 15.33 7.01
N LEU A 235 -5.83 14.74 6.14
CA LEU A 235 -5.71 14.97 4.71
C LEU A 235 -5.99 16.44 4.38
N GLN A 236 -5.12 17.04 3.59
CA GLN A 236 -5.29 18.44 3.21
C GLN A 236 -6.00 18.63 1.89
N VAL A 237 -5.91 17.68 0.96
CA VAL A 237 -6.47 17.92 -0.37
C VAL A 237 -7.30 16.74 -0.86
N TYR A 238 -6.86 15.50 -0.59
CA TYR A 238 -7.51 14.35 -1.20
C TYR A 238 -8.99 14.30 -0.83
N GLY A 239 -9.85 14.21 -1.84
CA GLY A 239 -11.29 14.12 -1.62
C GLY A 239 -11.94 15.37 -1.07
N LYS A 240 -11.27 16.52 -1.13
CA LYS A 240 -11.78 17.76 -0.53
C LYS A 240 -12.11 18.81 -1.59
N THR A 241 -12.52 18.35 -2.78
CA THR A 241 -12.84 19.24 -3.89
C THR A 241 -13.77 20.37 -3.47
N GLY A 242 -13.39 21.60 -3.80
CA GLY A 242 -14.21 22.76 -3.50
C GLY A 242 -14.03 23.32 -2.11
N GLU A 243 -13.32 22.63 -1.23
CA GLU A 243 -13.03 23.12 0.10
C GLU A 243 -11.78 23.99 0.08
N LYS A 244 -11.58 24.73 1.18
CA LYS A 244 -10.49 25.69 1.26
C LYS A 244 -9.16 25.01 1.56
N CYS A 245 -8.10 25.49 0.90
CA CYS A 245 -6.72 25.13 1.19
C CYS A 245 -6.19 25.81 2.44
N SER A 246 -6.99 26.64 3.09
CA SER A 246 -6.55 27.61 4.09
C SER A 246 -5.58 28.65 3.53
N ARG A 247 -5.33 28.60 2.22
CA ARG A 247 -4.44 29.55 1.55
C ARG A 247 -5.23 30.79 1.10
N CYS A 248 -5.77 31.49 2.10
CA CYS A 248 -6.35 32.83 1.94
C CYS A 248 -7.54 32.85 0.98
N GLY A 249 -8.30 31.76 0.91
CA GLY A 249 -9.52 31.70 0.14
C GLY A 249 -9.49 30.76 -1.04
N ALA A 250 -8.34 30.18 -1.37
CA ALA A 250 -8.27 29.30 -2.53
C ALA A 250 -8.92 27.95 -2.24
N GLU A 251 -9.60 27.40 -3.25
CA GLU A 251 -10.33 26.16 -3.12
C GLU A 251 -9.59 25.03 -3.82
N ILE A 252 -9.78 23.82 -3.31
CA ILE A 252 -9.15 22.64 -3.90
C ILE A 252 -9.87 22.27 -5.19
N GLN A 253 -9.11 22.01 -6.25
CA GLN A 253 -9.63 21.63 -7.54
C GLN A 253 -9.38 20.14 -7.80
N LYS A 254 -10.23 19.53 -8.61
CA LYS A 254 -10.05 18.15 -9.01
C LYS A 254 -9.94 18.08 -10.52
N ILE A 255 -8.87 17.44 -11.01
CA ILE A 255 -8.69 17.20 -12.42
C ILE A 255 -8.43 15.71 -12.60
N LYS A 256 -8.34 15.28 -13.85
CA LYS A 256 -7.90 13.92 -14.16
C LYS A 256 -6.49 13.98 -14.72
N VAL A 257 -5.59 13.18 -14.16
CA VAL A 257 -4.21 13.11 -14.61
C VAL A 257 -3.88 11.65 -14.84
N ALA A 258 -3.55 11.31 -16.09
CA ALA A 258 -3.25 9.95 -16.50
C ALA A 258 -4.29 8.98 -15.95
N GLY A 259 -5.56 9.36 -16.10
CA GLY A 259 -6.68 8.53 -15.72
C GLY A 259 -7.03 8.51 -14.25
N ARG A 260 -6.34 9.28 -13.40
CA ARG A 260 -6.63 9.27 -11.97
C ARG A 260 -7.23 10.59 -11.53
N GLY A 261 -8.23 10.52 -10.65
CA GLY A 261 -8.70 11.72 -9.99
C GLY A 261 -7.59 12.36 -9.20
N THR A 262 -7.48 13.69 -9.30
CA THR A 262 -6.29 14.38 -8.82
C THR A 262 -6.73 15.65 -8.11
N HIS A 263 -6.40 15.75 -6.83
CA HIS A 263 -6.80 16.89 -6.00
C HIS A 263 -5.57 17.74 -5.73
N PHE A 264 -5.68 19.04 -6.01
CA PHE A 264 -4.53 19.91 -5.80
C PHE A 264 -5.02 21.33 -5.57
N CYS A 265 -4.11 22.15 -5.04
CA CYS A 265 -4.37 23.56 -4.74
C CYS A 265 -3.64 24.42 -5.77
N PRO A 266 -4.32 24.92 -6.80
CA PRO A 266 -3.60 25.58 -7.92
C PRO A 266 -2.70 26.75 -7.52
N VAL A 267 -3.07 27.56 -6.52
CA VAL A 267 -2.21 28.68 -6.11
C VAL A 267 -0.86 28.19 -5.64
N CYS A 268 -0.84 27.15 -4.82
CA CYS A 268 0.36 26.62 -4.20
C CYS A 268 1.10 25.64 -5.08
N GLN A 269 0.50 25.20 -6.19
CA GLN A 269 1.04 24.11 -7.00
C GLN A 269 1.09 24.51 -8.47
N GLN A 270 1.66 25.67 -8.76
CA GLN A 270 1.87 26.04 -10.14
C GLN A 270 3.09 25.32 -10.71
N LYS A 271 3.05 25.03 -12.01
CA LYS A 271 4.22 24.51 -12.72
C LYS A 271 5.38 25.51 -12.67
#